data_9P1T
#
_entry.id   9P1T
#
_cell.length_a   1.00
_cell.length_b   1.00
_cell.length_c   1.00
_cell.angle_alpha   90.00
_cell.angle_beta   90.00
_cell.angle_gamma   90.00
#
_symmetry.space_group_name_H-M   'P 1'
#
loop_
_entity.id
_entity.type
_entity.pdbx_description
1 polymer 'Adenosine receptor A2a,Soluble cytochrome b562'
2 non-polymer 'Lauryl Maltose Neopentyl Glycol'
3 non-polymer 4-{2-[(7-amino-2-furan-2-yl[1,2,4]triazolo[1,5-a][1,3,5]triazin-5-yl)amino]ethyl}phenol
#
_entity_poly.entity_id   1
_entity_poly.type   'polypeptide(L)'
_entity_poly.pdbx_seq_one_letter_code
;DYKDDDDKMPIMGSSVYITVELAIAVLAILGNVLVCWAVWLNSNLQNVTNYFVVSLAAADILVGVLAIPFAITISTGFCA
ACHGCLFIACFVLVLAQSSIFSLLAIAIDRYIAIAIPLRYNGLVTGTRAAGIIAICWVLSFAIGLTPMLGWNNCGQPKEG
KAHSQGCGEGQVACLFEDVVPMNYMVYFNFFACVLVPLLLMLGVYLRIFAAARRQLKADLEDNWETLNDNLKVIEKADNA
AQVKDALTKMRAAALDAQKATPPKLEDKSPDSPEMKDFRHGFDILVGQIDDALKLANEGKVKEAQAAAEQLKTTRNAYIQ
KYLARSTLQKEVHAAKSAAIIAGLFALCWLPLHIINCFTFFCPDCSHAPLWLMYLAIVLAHTNSVVNPFIYAYRIREFRQ
TFRKIIRSHVLRQQEPFKAAHHHHHHHHHH
;
_entity_poly.pdbx_strand_id   A
#
loop_
_chem_comp.id
_chem_comp.type
_chem_comp.name
_chem_comp.formula
LMN non-polymer 'Lauryl Maltose Neopentyl Glycol' 'C47 H88 O22'
ZMA non-polymer 4-{2-[(7-amino-2-furan-2-yl[1,2,4]triazolo[1,5-a][1,3,5]triazin-5-yl)amino]ethyl}phenol 'C16 H15 N7 O2'
#
# COMPACT_ATOMS: atom_id res chain seq x y z
N SER A 14 -24.47 0.31 -9.33
CA SER A 14 -23.56 -0.07 -10.41
C SER A 14 -22.84 1.16 -10.97
N SER A 15 -23.62 2.13 -11.44
CA SER A 15 -23.02 3.36 -11.96
C SER A 15 -22.36 4.16 -10.86
N VAL A 16 -22.92 4.13 -9.65
CA VAL A 16 -22.32 4.82 -8.52
C VAL A 16 -20.93 4.27 -8.24
N TYR A 17 -20.77 2.94 -8.33
CA TYR A 17 -19.46 2.34 -8.10
C TYR A 17 -18.45 2.83 -9.13
N ILE A 18 -18.84 2.87 -10.41
CA ILE A 18 -17.92 3.34 -11.44
C ILE A 18 -17.53 4.80 -11.21
N THR A 19 -18.52 5.64 -10.87
CA THR A 19 -18.23 7.05 -10.64
C THR A 19 -17.29 7.24 -9.45
N VAL A 20 -17.56 6.55 -8.33
CA VAL A 20 -16.72 6.73 -7.15
C VAL A 20 -15.32 6.18 -7.41
N GLU A 21 -15.22 5.09 -8.17
CA GLU A 21 -13.89 4.55 -8.50
C GLU A 21 -13.11 5.50 -9.39
N LEU A 22 -13.78 6.12 -10.37
CA LEU A 22 -13.10 7.09 -11.23
C LEU A 22 -12.65 8.31 -10.43
N ALA A 23 -13.50 8.78 -9.51
CA ALA A 23 -13.11 9.91 -8.66
C ALA A 23 -11.92 9.55 -7.79
N ILE A 24 -11.93 8.35 -7.21
CA ILE A 24 -10.80 7.89 -6.40
C ILE A 24 -9.53 7.82 -7.24
N ALA A 25 -9.64 7.32 -8.48
CA ALA A 25 -8.48 7.25 -9.35
C ALA A 25 -7.91 8.64 -9.62
N VAL A 26 -8.78 9.60 -9.94
CA VAL A 26 -8.30 10.95 -10.22
C VAL A 26 -7.63 11.56 -9.00
N LEU A 27 -8.26 11.42 -7.83
CA LEU A 27 -7.69 11.98 -6.61
C LEU A 27 -6.36 11.33 -6.27
N ALA A 28 -6.25 10.02 -6.44
CA ALA A 28 -5.01 9.32 -6.15
C ALA A 28 -3.90 9.79 -7.07
N ILE A 29 -4.18 9.87 -8.37
CA ILE A 29 -3.17 10.32 -9.32
C ILE A 29 -2.70 11.72 -8.95
N LEU A 30 -3.65 12.64 -8.71
CA LEU A 30 -3.28 14.03 -8.43
C LEU A 30 -2.45 14.13 -7.14
N GLY A 31 -2.94 13.54 -6.05
CA GLY A 31 -2.23 13.65 -4.78
C GLY A 31 -0.84 13.04 -4.82
N ASN A 32 -0.72 11.84 -5.40
CA ASN A 32 0.57 11.18 -5.36
C ASN A 32 1.55 11.77 -6.38
N VAL A 33 1.06 12.32 -7.50
CA VAL A 33 1.97 13.05 -8.38
C VAL A 33 2.42 14.33 -7.70
N LEU A 34 1.55 14.94 -6.88
CA LEU A 34 1.99 16.08 -6.08
C LEU A 34 3.09 15.68 -5.10
N VAL A 35 2.94 14.52 -4.45
CA VAL A 35 3.98 14.06 -3.52
C VAL A 35 5.30 13.81 -4.25
N CYS A 36 5.24 13.14 -5.41
CA CYS A 36 6.45 12.87 -6.17
C CYS A 36 7.12 14.17 -6.64
N TRP A 37 6.32 15.11 -7.15
CA TRP A 37 6.85 16.39 -7.58
C TRP A 37 7.46 17.15 -6.41
N ALA A 38 6.83 17.09 -5.24
CA ALA A 38 7.35 17.78 -4.07
C ALA A 38 8.69 17.22 -3.65
N VAL A 39 8.84 15.89 -3.63
CA VAL A 39 10.10 15.30 -3.21
C VAL A 39 11.19 15.57 -4.25
N TRP A 40 10.83 15.49 -5.54
CA TRP A 40 11.82 15.76 -6.58
C TRP A 40 12.27 17.21 -6.56
N LEU A 41 11.35 18.14 -6.31
CA LEU A 41 11.66 19.56 -6.42
C LEU A 41 12.49 20.06 -5.26
N ASN A 42 12.20 19.60 -4.04
CA ASN A 42 12.77 20.17 -2.83
C ASN A 42 13.88 19.27 -2.31
N SER A 43 15.08 19.84 -2.13
N SER A 43 15.07 19.84 -2.11
CA SER A 43 16.20 19.08 -1.61
CA SER A 43 16.20 19.07 -1.61
C SER A 43 16.09 18.80 -0.11
C SER A 43 16.06 18.77 -0.12
N ASN A 44 15.35 19.63 0.62
CA ASN A 44 15.16 19.39 2.05
C ASN A 44 14.30 18.17 2.30
N LEU A 45 13.47 17.80 1.32
CA LEU A 45 12.59 16.64 1.42
C LEU A 45 13.18 15.39 0.82
N GLN A 46 14.45 15.38 0.44
CA GLN A 46 15.07 14.19 -0.15
C GLN A 46 15.82 13.39 0.92
N ASN A 47 15.08 13.00 1.96
CA ASN A 47 15.64 12.16 3.01
C ASN A 47 15.75 10.71 2.50
N VAL A 48 16.20 9.83 3.40
CA VAL A 48 16.18 8.41 3.10
C VAL A 48 14.75 7.89 3.13
N THR A 49 13.98 8.29 4.15
CA THR A 49 12.60 7.81 4.26
C THR A 49 11.75 8.27 3.08
N ASN A 50 12.08 9.44 2.52
CA ASN A 50 11.29 9.97 1.42
C ASN A 50 11.47 9.16 0.13
N TYR A 51 12.54 8.39 0.01
CA TYR A 51 12.63 7.46 -1.11
C TYR A 51 11.57 6.36 -1.00
N PHE A 52 11.39 5.81 0.19
CA PHE A 52 10.29 4.87 0.40
C PHE A 52 8.94 5.56 0.22
N VAL A 53 8.86 6.83 0.62
CA VAL A 53 7.62 7.58 0.45
C VAL A 53 7.27 7.71 -1.02
N VAL A 54 8.26 8.00 -1.88
CA VAL A 54 7.96 8.17 -3.29
C VAL A 54 7.74 6.82 -3.97
N SER A 55 8.35 5.76 -3.46
CA SER A 55 8.01 4.43 -3.96
C SER A 55 6.56 4.10 -3.67
N LEU A 56 6.10 4.39 -2.44
CA LEU A 56 4.71 4.20 -2.08
C LEU A 56 3.79 5.10 -2.90
N ALA A 57 4.23 6.33 -3.18
CA ALA A 57 3.45 7.22 -4.03
C ALA A 57 3.33 6.68 -5.45
N ALA A 58 4.41 6.10 -5.97
CA ALA A 58 4.35 5.48 -7.29
C ALA A 58 3.41 4.29 -7.30
N ALA A 59 3.41 3.50 -6.22
CA ALA A 59 2.46 2.40 -6.11
C ALA A 59 1.02 2.93 -6.12
N ASP A 60 0.76 4.02 -5.41
CA ASP A 60 -0.58 4.59 -5.41
C ASP A 60 -0.96 5.16 -6.78
N ILE A 61 0.02 5.78 -7.45
CA ILE A 61 -0.24 6.33 -8.80
C ILE A 61 -0.74 5.19 -9.70
N LEU A 62 -0.03 4.06 -9.71
CA LEU A 62 -0.44 2.91 -10.55
C LEU A 62 -1.81 2.39 -10.09
N VAL A 63 -2.03 2.33 -8.78
CA VAL A 63 -3.37 1.92 -8.26
C VAL A 63 -4.40 2.80 -8.98
N GLY A 64 -4.12 4.10 -9.09
CA GLY A 64 -5.10 4.99 -9.70
C GLY A 64 -5.20 4.82 -11.20
N VAL A 65 -4.05 4.69 -11.88
CA VAL A 65 -4.02 4.72 -13.33
C VAL A 65 -4.57 3.43 -13.91
N LEU A 66 -4.15 2.28 -13.37
CA LEU A 66 -4.45 0.99 -13.97
C LEU A 66 -5.32 0.10 -13.10
N ALA A 67 -5.04 0.02 -11.80
CA ALA A 67 -5.73 -0.96 -10.96
C ALA A 67 -7.23 -0.69 -10.89
N ILE A 68 -7.63 0.57 -10.94
CA ILE A 68 -9.05 0.93 -10.83
C ILE A 68 -9.77 0.71 -12.16
N PRO A 69 -9.21 1.09 -13.31
CA PRO A 69 -9.80 0.64 -14.57
C PRO A 69 -9.88 -0.88 -14.69
N PHE A 70 -8.86 -1.58 -14.20
CA PHE A 70 -8.92 -3.04 -14.19
C PHE A 70 -10.06 -3.54 -13.32
N ALA A 71 -10.27 -2.92 -12.16
CA ALA A 71 -11.37 -3.31 -11.29
C ALA A 71 -12.71 -3.06 -11.98
N ILE A 72 -12.84 -1.95 -12.69
CA ILE A 72 -14.07 -1.68 -13.43
C ILE A 72 -14.31 -2.75 -14.49
N THR A 73 -13.27 -3.10 -15.25
CA THR A 73 -13.42 -4.12 -16.28
C THR A 73 -13.80 -5.47 -15.69
N ILE A 74 -13.18 -5.84 -14.56
CA ILE A 74 -13.57 -7.09 -13.89
C ILE A 74 -15.01 -7.03 -13.43
N SER A 75 -15.46 -5.86 -12.98
CA SER A 75 -16.86 -5.69 -12.61
C SER A 75 -17.78 -5.93 -13.80
N THR A 76 -17.37 -5.46 -14.99
CA THR A 76 -18.14 -5.75 -16.19
C THR A 76 -18.07 -7.22 -16.59
N GLY A 77 -17.12 -7.98 -16.05
CA GLY A 77 -17.02 -9.40 -16.39
C GLY A 77 -16.64 -9.67 -17.83
N PHE A 78 -15.66 -8.95 -18.35
CA PHE A 78 -15.24 -9.15 -19.74
C PHE A 78 -14.60 -10.53 -19.92
N CYS A 79 -14.84 -11.13 -21.07
CA CYS A 79 -14.20 -12.40 -21.39
C CYS A 79 -12.93 -12.16 -22.21
N ALA A 80 -11.88 -12.90 -21.89
CA ALA A 80 -10.61 -12.76 -22.57
C ALA A 80 -9.76 -14.00 -22.30
N ALA A 81 -8.51 -13.95 -22.75
CA ALA A 81 -7.59 -15.05 -22.56
C ALA A 81 -7.28 -15.24 -21.08
N CYS A 82 -6.84 -16.46 -20.73
CA CYS A 82 -6.65 -16.80 -19.32
C CYS A 82 -5.55 -15.96 -18.69
N HIS A 83 -4.37 -15.90 -19.33
CA HIS A 83 -3.25 -15.17 -18.72
C HIS A 83 -3.56 -13.68 -18.61
N GLY A 84 -4.16 -13.10 -19.65
CA GLY A 84 -4.60 -11.72 -19.55
C GLY A 84 -5.62 -11.51 -18.45
N CYS A 85 -6.52 -12.48 -18.28
CA CYS A 85 -7.51 -12.41 -17.19
C CYS A 85 -6.83 -12.40 -15.83
N LEU A 86 -5.84 -13.26 -15.63
CA LEU A 86 -5.12 -13.28 -14.37
C LEU A 86 -4.35 -11.98 -14.15
N PHE A 87 -3.76 -11.43 -15.20
CA PHE A 87 -3.05 -10.15 -15.04
C PHE A 87 -4.01 -9.04 -14.66
N ILE A 88 -5.19 -8.99 -15.30
CA ILE A 88 -6.16 -7.96 -14.96
C ILE A 88 -6.65 -8.13 -13.52
N ALA A 89 -6.88 -9.37 -13.09
CA ALA A 89 -7.42 -9.60 -11.75
C ALA A 89 -6.37 -9.36 -10.67
N CYS A 90 -5.11 -9.66 -10.96
CA CYS A 90 -4.07 -9.71 -9.94
C CYS A 90 -3.11 -8.52 -9.96
N PHE A 91 -3.42 -7.47 -10.73
CA PHE A 91 -2.51 -6.32 -10.74
C PHE A 91 -2.61 -5.53 -9.45
N VAL A 92 -3.78 -5.53 -8.81
CA VAL A 92 -3.93 -4.82 -7.53
C VAL A 92 -3.06 -5.48 -6.47
N LEU A 93 -2.83 -6.79 -6.61
CA LEU A 93 -2.09 -7.54 -5.60
C LEU A 93 -0.63 -7.07 -5.51
N VAL A 94 0.00 -6.84 -6.67
CA VAL A 94 1.41 -6.45 -6.67
C VAL A 94 1.55 -5.05 -6.07
N LEU A 95 0.56 -4.19 -6.32
CA LEU A 95 0.62 -2.79 -5.82
C LEU A 95 0.40 -2.79 -4.30
N ALA A 96 -0.54 -3.60 -3.81
CA ALA A 96 -0.80 -3.69 -2.35
C ALA A 96 0.45 -4.25 -1.65
N GLN A 97 1.09 -5.25 -2.25
CA GLN A 97 2.30 -5.86 -1.65
C GLN A 97 3.44 -4.82 -1.66
N SER A 98 3.59 -4.09 -2.77
CA SER A 98 4.60 -3.04 -2.84
C SER A 98 4.37 -1.99 -1.76
N SER A 99 3.10 -1.63 -1.52
CA SER A 99 2.79 -0.71 -0.43
C SER A 99 3.17 -1.32 0.92
N ILE A 100 2.89 -2.61 1.11
CA ILE A 100 3.27 -3.27 2.35
C ILE A 100 4.77 -3.23 2.57
N PHE A 101 5.55 -3.53 1.53
CA PHE A 101 7.00 -3.51 1.65
C PHE A 101 7.51 -2.11 1.93
N SER A 102 6.95 -1.10 1.25
CA SER A 102 7.36 0.28 1.50
C SER A 102 7.06 0.71 2.93
N LEU A 103 5.87 0.35 3.44
CA LEU A 103 5.52 0.70 4.80
C LEU A 103 6.45 0.01 5.80
N LEU A 104 6.79 -1.25 5.55
CA LEU A 104 7.74 -1.94 6.42
C LEU A 104 9.11 -1.28 6.40
N ALA A 105 9.57 -0.88 5.21
CA ALA A 105 10.86 -0.21 5.11
C ALA A 105 10.85 1.13 5.85
N ILE A 106 9.74 1.86 5.76
CA ILE A 106 9.61 3.13 6.49
C ILE A 106 9.67 2.87 8.00
N ALA A 107 8.96 1.84 8.47
CA ALA A 107 8.97 1.55 9.91
C ALA A 107 10.35 1.17 10.39
N ILE A 108 11.08 0.35 9.63
CA ILE A 108 12.43 -0.03 10.01
C ILE A 108 13.36 1.18 9.98
N ASP A 109 13.19 2.05 8.99
CA ASP A 109 14.00 3.26 8.92
C ASP A 109 13.76 4.15 10.15
N ARG A 110 12.51 4.29 10.56
CA ARG A 110 12.21 5.09 11.75
C ARG A 110 12.82 4.45 12.99
N TYR A 111 12.76 3.11 13.09
CA TYR A 111 13.36 2.44 14.23
C TYR A 111 14.87 2.66 14.26
N ILE A 112 15.53 2.59 13.11
CA ILE A 112 16.97 2.85 13.06
C ILE A 112 17.27 4.28 13.46
N ALA A 113 16.47 5.23 12.98
CA ALA A 113 16.73 6.64 13.26
C ALA A 113 16.53 6.95 14.75
N ILE A 114 15.59 6.27 15.39
CA ILE A 114 15.25 6.58 16.81
C ILE A 114 16.11 5.73 17.76
N ALA A 115 16.08 4.40 17.62
CA ALA A 115 16.78 3.53 18.59
C ALA A 115 18.29 3.79 18.57
N ILE A 116 18.87 3.98 17.38
CA ILE A 116 20.36 4.15 17.28
C ILE A 116 20.65 5.37 16.41
N PRO A 117 20.50 6.63 16.89
CA PRO A 117 20.67 7.79 16.02
C PRO A 117 22.09 8.00 15.52
N LEU A 118 23.09 7.61 16.31
CA LEU A 118 24.47 7.94 15.98
C LEU A 118 24.92 7.24 14.71
N ARG A 119 24.55 5.96 14.55
CA ARG A 119 24.94 5.17 13.39
C ARG A 119 23.83 5.08 12.35
N TYR A 120 22.80 5.90 12.46
CA TYR A 120 21.70 5.87 11.50
C TYR A 120 22.17 6.22 10.10
N ASN A 121 22.99 7.27 9.97
CA ASN A 121 23.50 7.65 8.65
C ASN A 121 24.38 6.57 8.07
N GLY A 122 25.18 5.90 8.90
CA GLY A 122 26.00 4.81 8.41
C GLY A 122 25.19 3.62 7.95
N LEU A 123 24.15 3.26 8.70
CA LEU A 123 23.40 2.04 8.37
C LEU A 123 22.61 2.19 7.08
N VAL A 124 21.93 3.32 6.90
CA VAL A 124 21.06 3.52 5.74
C VAL A 124 21.70 4.56 4.83
N THR A 125 21.80 4.24 3.56
CA THR A 125 22.40 5.10 2.55
C THR A 125 21.46 5.16 1.36
N GLY A 126 21.57 6.22 0.57
CA GLY A 126 20.70 6.38 -0.58
C GLY A 126 20.76 5.18 -1.52
N THR A 127 21.97 4.70 -1.81
CA THR A 127 22.10 3.52 -2.66
C THR A 127 21.47 2.29 -2.02
N ARG A 128 21.65 2.13 -0.71
CA ARG A 128 21.00 1.03 0.00
C ARG A 128 19.48 1.16 -0.05
N ALA A 129 18.99 2.39 0.13
CA ALA A 129 17.52 2.62 0.13
C ALA A 129 16.96 2.22 -1.24
N ALA A 130 17.58 2.70 -2.31
CA ALA A 130 17.09 2.39 -3.68
C ALA A 130 17.18 0.88 -3.94
N GLY A 131 18.27 0.24 -3.48
CA GLY A 131 18.39 -1.21 -3.64
C GLY A 131 17.23 -1.92 -2.98
N ILE A 132 16.98 -1.61 -1.70
CA ILE A 132 15.87 -2.23 -0.97
C ILE A 132 14.55 -1.95 -1.69
N ILE A 133 14.38 -0.74 -2.23
CA ILE A 133 13.17 -0.43 -2.97
C ILE A 133 13.04 -1.33 -4.19
N ALA A 134 14.13 -1.53 -4.94
CA ALA A 134 14.07 -2.38 -6.12
C ALA A 134 13.78 -3.82 -5.74
N ILE A 135 14.42 -4.34 -4.69
CA ILE A 135 14.17 -5.71 -4.27
C ILE A 135 12.72 -5.88 -3.84
N CYS A 136 12.19 -4.92 -3.08
CA CYS A 136 10.80 -5.01 -2.64
C CYS A 136 9.83 -4.94 -3.80
N TRP A 137 10.11 -4.08 -4.79
CA TRP A 137 9.26 -4.02 -5.97
C TRP A 137 9.28 -5.34 -6.74
N VAL A 138 10.48 -5.93 -6.89
CA VAL A 138 10.57 -7.21 -7.62
C VAL A 138 9.86 -8.32 -6.85
N LEU A 139 9.95 -8.31 -5.52
CA LEU A 139 9.26 -9.32 -4.73
C LEU A 139 7.75 -9.13 -4.80
N SER A 140 7.28 -7.89 -4.89
CA SER A 140 5.83 -7.64 -4.95
C SER A 140 5.24 -8.21 -6.22
N PHE A 141 5.94 -8.07 -7.36
CA PHE A 141 5.47 -8.68 -8.59
C PHE A 141 5.43 -10.20 -8.48
N ALA A 142 6.44 -10.80 -7.87
CA ALA A 142 6.46 -12.26 -7.73
C ALA A 142 5.31 -12.74 -6.86
N ILE A 143 5.07 -12.05 -5.74
CA ILE A 143 4.00 -12.45 -4.82
C ILE A 143 2.63 -12.21 -5.46
N GLY A 144 2.42 -11.01 -5.99
CA GLY A 144 1.10 -10.68 -6.51
C GLY A 144 0.72 -11.45 -7.75
N LEU A 145 1.68 -11.64 -8.67
CA LEU A 145 1.42 -12.34 -9.93
C LEU A 145 1.69 -13.82 -9.83
N THR A 146 1.74 -14.37 -8.61
CA THR A 146 1.81 -15.83 -8.46
C THR A 146 0.69 -16.57 -9.18
N PRO A 147 -0.57 -16.10 -9.16
CA PRO A 147 -1.60 -16.82 -9.92
C PRO A 147 -1.27 -17.03 -11.39
N MET A 148 -0.57 -16.09 -12.03
CA MET A 148 -0.21 -16.29 -13.44
C MET A 148 0.70 -17.51 -13.61
N LEU A 149 1.68 -17.68 -12.72
CA LEU A 149 2.56 -18.83 -12.82
C LEU A 149 1.86 -20.12 -12.42
N GLY A 150 1.12 -20.10 -11.32
CA GLY A 150 0.44 -21.29 -10.85
C GLY A 150 -0.66 -20.93 -9.88
N TRP A 151 -1.36 -21.89 -9.36
CA TRP A 151 -2.47 -21.64 -8.45
C TRP A 151 -3.54 -20.94 -9.29
N ASN A 152 -4.11 -21.64 -10.27
CA ASN A 152 -5.19 -21.08 -11.06
C ASN A 152 -6.44 -21.95 -10.95
N ASN A 153 -7.58 -21.28 -10.82
CA ASN A 153 -8.88 -21.91 -11.02
C ASN A 153 -9.39 -21.69 -12.43
N CYS A 154 -8.48 -21.38 -13.36
CA CYS A 154 -8.86 -21.05 -14.73
C CYS A 154 -9.53 -22.22 -15.43
N GLY A 155 -9.01 -23.43 -15.24
CA GLY A 155 -9.59 -24.60 -15.85
C GLY A 155 -10.93 -24.99 -15.27
N GLN A 171 -11.87 -18.44 -24.40
CA GLN A 171 -11.82 -17.23 -23.59
C GLN A 171 -12.64 -17.39 -22.31
N VAL A 172 -11.94 -17.53 -21.18
CA VAL A 172 -12.61 -17.65 -19.89
C VAL A 172 -13.09 -16.29 -19.43
N ALA A 173 -14.34 -16.22 -18.99
CA ALA A 173 -14.89 -14.98 -18.48
C ALA A 173 -14.16 -14.57 -17.21
N CYS A 174 -13.89 -13.27 -17.07
CA CYS A 174 -13.14 -12.75 -15.94
C CYS A 174 -14.08 -12.47 -14.78
N LEU A 175 -14.11 -13.39 -13.82
CA LEU A 175 -14.73 -13.17 -12.52
C LEU A 175 -13.68 -13.46 -11.46
N PHE A 176 -13.44 -12.49 -10.58
CA PHE A 176 -12.38 -12.64 -9.60
C PHE A 176 -12.63 -13.83 -8.68
N GLU A 177 -13.90 -14.16 -8.44
CA GLU A 177 -14.22 -15.32 -7.61
C GLU A 177 -13.85 -16.62 -8.32
N ASP A 178 -14.24 -16.75 -9.58
CA ASP A 178 -14.07 -18.02 -10.29
C ASP A 178 -12.64 -18.23 -10.75
N VAL A 179 -11.92 -17.13 -11.04
CA VAL A 179 -10.62 -17.23 -11.69
C VAL A 179 -9.45 -17.31 -10.72
N VAL A 180 -9.48 -16.55 -9.62
CA VAL A 180 -8.38 -16.50 -8.67
C VAL A 180 -8.73 -17.39 -7.49
N PRO A 181 -7.96 -18.44 -7.21
CA PRO A 181 -8.31 -19.36 -6.11
C PRO A 181 -8.30 -18.65 -4.77
N MET A 182 -9.25 -19.03 -3.91
CA MET A 182 -9.36 -18.40 -2.61
C MET A 182 -8.36 -18.97 -1.61
N ASN A 183 -7.89 -20.20 -1.84
CA ASN A 183 -6.83 -20.71 -0.98
C ASN A 183 -5.58 -19.85 -1.08
N TYR A 184 -5.25 -19.40 -2.30
CA TYR A 184 -4.15 -18.47 -2.48
C TYR A 184 -4.38 -17.18 -1.70
N MET A 185 -5.55 -16.57 -1.86
CA MET A 185 -5.84 -15.30 -1.20
C MET A 185 -5.78 -15.43 0.31
N VAL A 186 -6.34 -16.50 0.87
CA VAL A 186 -6.47 -16.60 2.32
C VAL A 186 -5.24 -17.22 2.98
N TYR A 187 -4.34 -17.82 2.22
CA TYR A 187 -3.08 -18.28 2.83
C TYR A 187 -1.89 -17.46 2.36
N PHE A 188 -1.56 -17.49 1.08
CA PHE A 188 -0.30 -16.89 0.63
C PHE A 188 -0.43 -15.39 0.51
N ASN A 189 -1.51 -14.91 -0.12
CA ASN A 189 -1.68 -13.48 -0.31
C ASN A 189 -1.87 -12.76 1.03
N PHE A 190 -2.64 -13.34 1.94
CA PHE A 190 -2.97 -12.67 3.19
C PHE A 190 -2.11 -13.12 4.36
N PHE A 191 -2.19 -14.39 4.77
CA PHE A 191 -1.67 -14.77 6.08
C PHE A 191 -0.16 -14.59 6.17
N ALA A 192 0.53 -14.75 5.05
CA ALA A 192 1.99 -14.65 5.02
C ALA A 192 2.48 -13.31 4.47
N CYS A 193 1.72 -12.70 3.56
CA CYS A 193 2.24 -11.55 2.83
C CYS A 193 1.63 -10.23 3.29
N VAL A 194 0.64 -10.28 4.19
CA VAL A 194 0.03 -9.07 4.72
C VAL A 194 0.03 -9.07 6.24
N LEU A 195 -0.58 -10.08 6.86
CA LEU A 195 -0.66 -10.12 8.32
C LEU A 195 0.73 -10.22 8.95
N VAL A 196 1.62 -11.02 8.37
CA VAL A 196 2.98 -11.09 8.90
C VAL A 196 3.70 -9.75 8.81
N PRO A 197 3.77 -9.08 7.64
CA PRO A 197 4.36 -7.74 7.64
C PRO A 197 3.59 -6.76 8.50
N LEU A 198 2.27 -6.85 8.53
CA LEU A 198 1.48 -5.94 9.35
C LEU A 198 1.81 -6.09 10.83
N LEU A 199 1.89 -7.33 11.32
CA LEU A 199 2.18 -7.53 12.73
C LEU A 199 3.64 -7.20 13.05
N LEU A 200 4.57 -7.54 12.15
CA LEU A 200 5.97 -7.17 12.37
C LEU A 200 6.13 -5.66 12.45
N MET A 201 5.48 -4.91 11.58
CA MET A 201 5.65 -3.46 11.60
C MET A 201 4.80 -2.81 12.69
N LEU A 202 3.74 -3.48 13.16
CA LEU A 202 3.10 -3.06 14.39
C LEU A 202 4.06 -3.17 15.57
N GLY A 203 4.76 -4.31 15.67
CA GLY A 203 5.76 -4.45 16.72
C GLY A 203 6.89 -3.45 16.58
N VAL A 204 7.29 -3.16 15.34
CA VAL A 204 8.34 -2.18 15.09
C VAL A 204 7.91 -0.81 15.59
N TYR A 205 6.66 -0.40 15.31
CA TYR A 205 6.19 0.90 15.77
C TYR A 205 6.06 0.95 17.29
N LEU A 206 5.59 -0.15 17.89
CA LEU A 206 5.53 -0.19 19.36
C LEU A 206 6.91 -0.04 19.97
N ARG A 207 7.90 -0.72 19.41
CA ARG A 207 9.27 -0.59 19.90
C ARG A 207 9.81 0.82 19.66
N ILE A 208 9.46 1.43 18.52
CA ILE A 208 9.88 2.81 18.24
C ILE A 208 9.40 3.74 19.32
N PHE A 209 8.12 3.66 19.67
CA PHE A 209 7.59 4.63 20.64
C PHE A 209 8.04 4.29 22.06
N ALA A 210 8.24 3.01 22.36
CA ALA A 210 8.81 2.65 23.65
C ALA A 210 10.23 3.20 23.79
N ALA A 211 11.04 3.09 22.74
CA ALA A 211 12.39 3.62 22.77
C ALA A 211 12.38 5.14 22.85
N ALA A 212 11.41 5.78 22.20
CA ALA A 212 11.28 7.23 22.32
C ALA A 212 10.97 7.64 23.75
N ARG A 213 10.10 6.88 24.44
CA ARG A 213 9.83 7.18 25.84
C ARG A 213 11.04 6.92 26.72
N ARG A 214 11.80 5.86 26.43
CA ARG A 214 13.00 5.57 27.22
C ARG A 214 14.04 6.69 27.08
N GLN A 215 14.23 7.19 25.86
CA GLN A 215 15.30 8.15 25.62
C GLN A 215 15.03 9.48 26.31
N LEU A 216 13.77 9.74 26.68
CA LEU A 216 13.44 10.98 27.35
C LEU A 216 12.75 10.70 28.69
N ALA A 324 18.57 18.03 21.72
CA ALA A 324 18.28 16.66 22.14
C ALA A 324 16.79 16.44 22.29
N ARG A 325 16.13 17.30 23.07
CA ARG A 325 14.69 17.23 23.19
C ARG A 325 14.00 17.73 21.93
N SER A 326 14.58 18.74 21.28
CA SER A 326 14.05 19.21 20.02
C SER A 326 14.19 18.16 18.92
N THR A 327 15.33 17.48 18.88
CA THR A 327 15.54 16.45 17.87
C THR A 327 14.67 15.23 18.12
N LEU A 328 14.43 14.91 19.40
CA LEU A 328 13.62 13.74 19.71
C LEU A 328 12.16 13.93 19.30
N GLN A 329 11.63 15.14 19.48
CA GLN A 329 10.23 15.38 19.11
C GLN A 329 10.07 15.43 17.60
N LYS A 330 11.14 15.75 16.87
CA LYS A 330 11.08 15.65 15.42
C LYS A 330 11.00 14.20 14.97
N GLU A 331 11.73 13.30 15.63
CA GLU A 331 11.65 11.89 15.28
C GLU A 331 10.30 11.30 15.64
N VAL A 332 9.77 11.63 16.81
CA VAL A 332 8.46 11.11 17.22
C VAL A 332 7.36 11.65 16.31
N HIS A 333 7.42 12.94 15.97
CA HIS A 333 6.44 13.51 15.06
C HIS A 333 6.51 12.87 13.69
N ALA A 334 7.74 12.62 13.21
CA ALA A 334 7.89 11.91 11.94
C ALA A 334 7.43 10.46 12.05
N ALA A 335 7.70 9.82 13.17
CA ALA A 335 7.25 8.44 13.36
C ALA A 335 5.74 8.37 13.49
N LYS A 336 5.12 9.37 14.14
CA LYS A 336 3.67 9.41 14.22
C LYS A 336 3.04 9.57 12.85
N SER A 337 3.60 10.45 12.02
CA SER A 337 3.06 10.66 10.68
C SER A 337 3.14 9.40 9.85
N ALA A 338 4.26 8.69 9.93
CA ALA A 338 4.45 7.50 9.11
C ALA A 338 3.75 6.28 9.72
N ALA A 339 3.32 6.38 10.98
CA ALA A 339 2.53 5.30 11.57
C ALA A 339 1.05 5.48 11.29
N ILE A 340 0.62 6.71 11.00
CA ILE A 340 -0.78 6.94 10.65
C ILE A 340 -1.09 6.37 9.27
N ILE A 341 -0.20 6.62 8.30
CA ILE A 341 -0.41 6.08 6.95
C ILE A 341 -0.34 4.56 6.97
N ALA A 342 0.38 3.99 7.93
CA ALA A 342 0.37 2.54 8.13
C ALA A 342 -0.97 2.10 8.72
N GLY A 343 -1.47 2.81 9.72
CA GLY A 343 -2.74 2.44 10.31
C GLY A 343 -3.90 2.57 9.34
N LEU A 344 -3.83 3.57 8.46
CA LEU A 344 -4.88 3.75 7.46
C LEU A 344 -4.84 2.63 6.43
N PHE A 345 -3.66 2.09 6.13
CA PHE A 345 -3.57 0.98 5.19
C PHE A 345 -4.27 -0.26 5.72
N ALA A 346 -3.93 -0.66 6.95
CA ALA A 346 -4.55 -1.83 7.54
C ALA A 346 -6.04 -1.63 7.74
N LEU A 347 -6.46 -0.42 8.09
CA LEU A 347 -7.88 -0.15 8.27
C LEU A 347 -8.65 -0.37 6.97
N CYS A 348 -8.03 -0.03 5.83
CA CYS A 348 -8.73 -0.13 4.55
C CYS A 348 -8.72 -1.56 4.00
N TRP A 349 -7.61 -2.28 4.17
CA TRP A 349 -7.46 -3.55 3.45
C TRP A 349 -8.07 -4.73 4.19
N LEU A 350 -8.03 -4.74 5.52
CA LEU A 350 -8.59 -5.87 6.26
C LEU A 350 -10.09 -6.10 6.08
N PRO A 351 -10.94 -5.10 5.81
CA PRO A 351 -12.33 -5.46 5.47
C PRO A 351 -12.44 -6.48 4.35
N LEU A 352 -11.79 -6.22 3.22
CA LEU A 352 -11.87 -7.13 2.08
C LEU A 352 -11.20 -8.47 2.37
N HIS A 353 -10.06 -8.43 3.06
CA HIS A 353 -9.37 -9.67 3.41
C HIS A 353 -10.21 -10.54 4.33
N ILE A 354 -10.87 -9.93 5.32
CA ILE A 354 -11.72 -10.69 6.22
C ILE A 354 -12.94 -11.22 5.50
N ILE A 355 -13.47 -10.46 4.53
CA ILE A 355 -14.59 -11.00 3.73
C ILE A 355 -14.13 -12.23 2.95
N ASN A 356 -12.94 -12.17 2.35
CA ASN A 356 -12.42 -13.34 1.64
C ASN A 356 -12.20 -14.51 2.59
N CYS A 357 -11.71 -14.24 3.81
CA CYS A 357 -11.54 -15.31 4.79
C CYS A 357 -12.88 -15.94 5.15
N PHE A 358 -13.92 -15.13 5.29
CA PHE A 358 -15.26 -15.67 5.57
C PHE A 358 -15.75 -16.53 4.42
N THR A 359 -15.50 -16.09 3.18
CA THR A 359 -15.91 -16.86 2.02
C THR A 359 -15.19 -18.21 1.95
N PHE A 360 -13.92 -18.24 2.37
CA PHE A 360 -13.11 -19.44 2.23
C PHE A 360 -13.34 -20.42 3.37
N PHE A 361 -13.15 -19.97 4.61
CA PHE A 361 -13.15 -20.89 5.74
C PHE A 361 -14.51 -21.55 5.94
N CYS A 362 -15.60 -20.81 5.73
CA CYS A 362 -16.93 -21.34 5.96
C CYS A 362 -17.72 -21.42 4.66
N PRO A 363 -17.53 -22.46 3.85
CA PRO A 363 -18.31 -22.55 2.61
C PRO A 363 -19.80 -22.79 2.85
N ASP A 364 -20.16 -23.28 4.03
CA ASP A 364 -21.58 -23.57 4.30
C ASP A 364 -22.42 -22.29 4.26
N CYS A 365 -21.92 -21.21 4.84
CA CYS A 365 -22.62 -19.94 4.78
C CYS A 365 -22.59 -19.39 3.36
N SER A 366 -23.62 -18.61 3.03
CA SER A 366 -23.72 -18.05 1.68
C SER A 366 -22.63 -17.01 1.44
N HIS A 367 -22.45 -16.67 0.16
CA HIS A 367 -21.47 -15.66 -0.21
C HIS A 367 -21.87 -14.29 0.31
N ALA A 368 -20.87 -13.45 0.54
CA ALA A 368 -21.13 -12.09 0.99
C ALA A 368 -21.89 -11.31 -0.08
N PRO A 369 -22.71 -10.36 0.32
CA PRO A 369 -23.51 -9.61 -0.68
C PRO A 369 -22.64 -8.84 -1.64
N LEU A 370 -23.18 -8.64 -2.85
CA LEU A 370 -22.44 -7.94 -3.90
C LEU A 370 -22.12 -6.50 -3.49
N TRP A 371 -23.09 -5.82 -2.87
CA TRP A 371 -22.86 -4.44 -2.44
C TRP A 371 -21.76 -4.37 -1.39
N LEU A 372 -21.73 -5.34 -0.47
CA LEU A 372 -20.66 -5.38 0.52
C LEU A 372 -19.31 -5.59 -0.15
N MET A 373 -19.26 -6.45 -1.17
CA MET A 373 -18.02 -6.69 -1.90
C MET A 373 -17.54 -5.41 -2.56
N TYR A 374 -18.43 -4.70 -3.25
CA TYR A 374 -18.03 -3.46 -3.91
C TYR A 374 -17.61 -2.39 -2.91
N LEU A 375 -18.31 -2.32 -1.78
CA LEU A 375 -17.92 -1.37 -0.74
C LEU A 375 -16.54 -1.69 -0.19
N ALA A 376 -16.24 -2.97 0.01
CA ALA A 376 -14.92 -3.35 0.49
C ALA A 376 -13.84 -3.00 -0.53
N ILE A 377 -14.11 -3.23 -1.81
CA ILE A 377 -13.15 -2.87 -2.86
C ILE A 377 -12.91 -1.36 -2.86
N VAL A 378 -13.99 -0.57 -2.77
CA VAL A 378 -13.84 0.88 -2.77
C VAL A 378 -13.05 1.34 -1.56
N LEU A 379 -13.35 0.75 -0.40
CA LEU A 379 -12.62 1.11 0.85
C LEU A 379 -11.12 0.81 0.67
N ALA A 380 -10.80 -0.36 0.11
CA ALA A 380 -9.38 -0.74 -0.06
C ALA A 380 -8.71 0.26 -1.01
N HIS A 381 -9.42 0.66 -2.06
CA HIS A 381 -8.86 1.63 -3.05
C HIS A 381 -8.74 3.01 -2.41
N THR A 382 -9.52 3.28 -1.37
CA THR A 382 -9.51 4.61 -0.76
C THR A 382 -8.19 4.91 -0.06
N ASN A 383 -7.45 3.88 0.37
CA ASN A 383 -6.17 4.12 1.03
C ASN A 383 -5.18 4.82 0.10
N SER A 384 -5.39 4.71 -1.21
CA SER A 384 -4.47 5.33 -2.16
C SER A 384 -4.52 6.85 -2.08
N VAL A 385 -5.69 7.42 -1.78
CA VAL A 385 -5.86 8.87 -1.91
C VAL A 385 -5.48 9.58 -0.61
N VAL A 386 -5.46 8.86 0.50
CA VAL A 386 -5.43 9.52 1.80
C VAL A 386 -4.05 10.07 2.13
N ASN A 387 -2.99 9.33 1.82
CA ASN A 387 -1.69 9.69 2.38
C ASN A 387 -1.07 10.98 1.83
N PRO A 388 -1.40 11.48 0.62
CA PRO A 388 -0.93 12.85 0.31
C PRO A 388 -1.50 13.89 1.26
N PHE A 389 -2.76 13.72 1.66
CA PHE A 389 -3.37 14.64 2.62
C PHE A 389 -2.71 14.51 3.99
N ILE A 390 -2.34 13.30 4.39
CA ILE A 390 -1.62 13.13 5.64
C ILE A 390 -0.27 13.83 5.60
N TYR A 391 0.45 13.70 4.49
CA TYR A 391 1.73 14.38 4.36
C TYR A 391 1.54 15.90 4.40
N ALA A 392 0.53 16.41 3.72
CA ALA A 392 0.28 17.85 3.72
C ALA A 392 -0.08 18.35 5.12
N TYR A 393 -0.92 17.61 5.82
CA TYR A 393 -1.42 18.07 7.11
C TYR A 393 -0.36 17.97 8.20
N ARG A 394 0.46 16.91 8.17
CA ARG A 394 1.39 16.68 9.28
C ARG A 394 2.76 17.28 9.00
N ILE A 395 3.33 17.03 7.84
CA ILE A 395 4.69 17.44 7.51
C ILE A 395 4.64 18.84 6.92
N ARG A 396 5.32 19.79 7.59
CA ARG A 396 5.22 21.19 7.20
C ARG A 396 5.92 21.48 5.88
N GLU A 397 7.06 20.82 5.63
CA GLU A 397 7.75 21.02 4.37
C GLU A 397 6.89 20.56 3.19
N PHE A 398 6.23 19.42 3.34
CA PHE A 398 5.32 18.95 2.30
C PHE A 398 4.20 19.95 2.06
N ARG A 399 3.62 20.49 3.12
CA ARG A 399 2.54 21.47 2.96
C ARG A 399 3.03 22.73 2.26
N GLN A 400 4.20 23.24 2.66
CA GLN A 400 4.71 24.46 2.06
C GLN A 400 5.00 24.26 0.57
N THR A 401 5.63 23.13 0.22
CA THR A 401 5.95 22.92 -1.18
C THR A 401 4.72 22.56 -2.00
N PHE A 402 3.70 21.97 -1.37
CA PHE A 402 2.42 21.78 -2.05
C PHE A 402 1.78 23.10 -2.39
N ARG A 403 1.77 24.03 -1.43
CA ARG A 403 1.22 25.36 -1.70
C ARG A 403 2.06 26.10 -2.74
N LYS A 404 3.37 25.88 -2.73
CA LYS A 404 4.23 26.47 -3.76
C LYS A 404 3.87 25.94 -5.14
N ILE A 405 3.64 24.63 -5.26
CA ILE A 405 3.29 24.04 -6.55
C ILE A 405 1.97 24.62 -7.07
N ILE A 406 0.97 24.70 -6.20
CA ILE A 406 -0.34 25.20 -6.58
C ILE A 406 -0.40 26.71 -6.40
C1 LMN B . 2.17 2.97 23.03
O1 LMN B . 2.14 3.53 21.75
C2 LMN B . 3.10 1.77 23.02
O2 LMN B . 4.43 2.16 22.66
C3 LMN B . 3.08 1.09 24.38
O3 LMN B . 3.89 -0.09 24.35
C4 LMN B . 1.65 0.77 24.78
O4 LMN B . 1.66 0.28 26.13
C5 LMN B . 0.77 2.01 24.70
O5 LMN B . 0.86 2.56 23.37
C6 LMN B . -0.69 1.73 24.96
O6 LMN B . -1.46 2.93 24.82
CAA LMN B . -5.54 6.01 12.05
CAB LMN B . -1.08 -2.59 11.56
OAJ LMN B . 4.57 15.18 21.37
OAL LMN B . 6.06 6.91 23.10
OAN LMN B . 2.97 11.83 21.04
OAP LMN B . 2.31 9.39 19.90
OAR LMN B . 8.49 14.06 22.62
OAT LMN B . 8.74 11.98 24.56
OAV LMN B . 6.56 10.14 24.69
CAW LMN B . -4.94 5.11 13.10
CAX LMN B . -0.20 -1.76 12.44
CAY LMN B . -3.60 5.59 13.59
CAZ LMN B . -0.23 -0.30 12.12
CBA LMN B . -3.00 4.75 14.68
CBB LMN B . 0.69 0.56 12.94
CBC LMN B . -1.68 5.26 15.20
CBD LMN B . 0.29 0.67 14.39
CBE LMN B . -1.73 6.67 15.75
CBF LMN B . 1.27 1.44 15.24
CBG LMN B . -0.39 7.18 16.22
CBH LMN B . 0.82 1.68 16.65
CBI LMN B . 0.21 6.40 17.35
CBJ LMN B . 1.76 2.57 17.44
CBK LMN B . -0.31 6.77 18.72
CBL LMN B . 1.14 3.17 18.68
CBN LMN B . 5.74 15.11 22.19
CBP LMN B . 5.99 8.13 22.36
CBQ LMN B . -0.21 5.68 19.78
CBR LMN B . 1.92 4.32 19.24
CBS LMN B . 1.03 4.43 21.54
CBT LMN B . 2.05 6.46 20.54
OBV LMN B . 1.47 7.30 21.57
OBX LMN B . 3.67 7.83 21.96
OBZ LMN B . 5.00 13.08 23.16
OCB LMN B . 5.46 11.03 22.22
CCD LMN B . 6.12 13.67 22.47
CCF LMN B . 4.63 8.78 22.48
CCH LMN B . 3.10 10.63 21.80
CCJ LMN B . 2.33 8.29 22.06
CCL LMN B . 2.13 9.58 21.29
CCM LMN B . 1.19 5.23 20.25
CCO LMN B . 7.38 13.54 23.33
CCQ LMN B . 4.52 10.08 21.70
CCS LMN B . 5.20 11.69 23.43
CCU LMN B . 7.62 12.09 23.69
CCW LMN B . 6.38 11.51 24.37
C1 ZMA C . -18.55 -10.46 -7.98
C2 ZMA C . -19.62 -11.33 -8.07
C3 ZMA C . -20.05 -12.02 -6.94
O4 ZMA C . -21.10 -12.88 -7.02
C5 ZMA C . -19.40 -11.83 -5.74
C6 ZMA C . -18.33 -10.95 -5.66
C7 ZMA C . -17.89 -10.25 -6.78
C8 ZMA C . -16.72 -9.31 -6.68
C9 ZMA C . -15.40 -10.00 -6.93
N10 ZMA C . -14.27 -9.11 -6.76
C11 ZMA C . -13.34 -9.34 -5.82
N12 ZMA C . -12.23 -8.56 -5.85
N13 ZMA C . -13.61 -10.33 -4.93
C14 ZMA C . -12.69 -10.57 -3.99
N15 ZMA C . -12.89 -11.52 -3.10
N16 ZMA C . -11.55 -9.81 -3.97
N17 ZMA C . -10.51 -9.89 -3.11
C18 ZMA C . -11.35 -8.84 -4.87
N19 ZMA C . -10.18 -8.26 -4.64
C20 ZMA C . -9.69 -8.92 -3.56
C21 ZMA C . -8.43 -8.62 -2.94
C22 ZMA C . -7.46 -7.75 -3.29
C23 ZMA C . -6.42 -7.88 -2.32
C24 ZMA C . -6.86 -8.85 -1.43
O25 ZMA C . -8.09 -9.31 -1.81
#